data_6K02
#
_entry.id   6K02
#
_cell.length_a   95.733
_cell.length_b   126.747
_cell.length_c   118.192
_cell.angle_alpha   90.000
_cell.angle_beta   90.000
_cell.angle_gamma   90.000
#
_symmetry.space_group_name_H-M   'C 2 2 21'
#
loop_
_entity.id
_entity.type
_entity.pdbx_description
1 polymer 'Nucleosome Assembly Protein'
2 non-polymer 'ZINC ION'
3 water water
#
_entity_poly.entity_id   1
_entity_poly.type   'polypeptide(L)'
_entity_poly.pdbx_seq_one_letter_code
;MGSSHHHHHHSSGENLYFQHMGLLSTNFDMIQALPLNVKQRVCALKNLQMKTIQIESDFYKRVHELEIEFEGKFKSTFDQ
RKAIVAGEVEPTKEQIDTPILEGLEGDQLAELYKAAEADPSAKGIKDFWLTALRTHDLVAEAIEEHDVPILSYLTDVTTA
ASKDPAGFKIEFHFATNPYFKNQVLTKTYLLGFDPDAEAPLQFDGPHVIRAVGDTIEWEDGKNVTKKAVKKKQKKGANAG
KFLTKTVKADSFFNFFEPPKSKDERNEDEDDEQAEEFLELDYEMGQAIRDTIIPRAVLFYTGELQSDD
;
_entity_poly.pdbx_strand_id   A,B
#
loop_
_chem_comp.id
_chem_comp.type
_chem_comp.name
_chem_comp.formula
ZN non-polymer 'ZINC ION' 'Zn 2'
#
# COMPACT_ATOMS: atom_id res chain seq x y z
N ASN A 15 -9.52 -8.19 -11.52
CA ASN A 15 -8.31 -8.31 -12.33
C ASN A 15 -8.43 -9.49 -13.30
N LEU A 16 -8.61 -9.19 -14.58
CA LEU A 16 -8.81 -10.20 -15.60
C LEU A 16 -7.63 -10.25 -16.56
N TYR A 17 -7.64 -11.27 -17.41
CA TYR A 17 -6.63 -11.43 -18.45
C TYR A 17 -7.25 -12.14 -19.64
N PHE A 18 -7.15 -11.52 -20.82
CA PHE A 18 -7.67 -12.11 -22.05
C PHE A 18 -6.52 -12.77 -22.81
N GLN A 19 -6.75 -13.99 -23.28
CA GLN A 19 -5.83 -14.65 -24.21
C GLN A 19 -6.32 -14.39 -25.63
N HIS A 20 -5.75 -13.38 -26.27
CA HIS A 20 -6.14 -13.00 -27.63
C HIS A 20 -5.94 -14.12 -28.64
N MET A 21 -5.21 -15.18 -28.29
CA MET A 21 -4.98 -16.31 -29.17
C MET A 21 -5.60 -17.55 -28.54
N GLY A 22 -6.44 -18.25 -29.30
CA GLY A 22 -7.21 -19.35 -28.75
C GLY A 22 -6.37 -20.54 -28.32
N LEU A 23 -5.37 -20.90 -29.13
CA LEU A 23 -4.53 -22.06 -28.82
C LEU A 23 -3.86 -21.94 -27.46
N LEU A 24 -3.68 -20.73 -26.94
CA LEU A 24 -3.06 -20.50 -25.65
C LEU A 24 -4.04 -20.58 -24.49
N SER A 25 -5.29 -20.95 -24.74
CA SER A 25 -6.28 -21.00 -23.67
C SER A 25 -5.91 -22.06 -22.65
N THR A 26 -6.29 -21.82 -21.39
CA THR A 26 -5.96 -22.74 -20.31
C THR A 26 -6.76 -24.04 -20.42
N ASN A 27 -7.95 -23.98 -21.02
CA ASN A 27 -8.78 -25.16 -21.23
C ASN A 27 -8.76 -25.61 -22.69
N PHE A 28 -7.68 -25.31 -23.41
CA PHE A 28 -7.63 -25.62 -24.83
C PHE A 28 -7.69 -27.12 -25.08
N ASP A 29 -6.96 -27.91 -24.29
CA ASP A 29 -6.96 -29.35 -24.48
C ASP A 29 -8.35 -29.92 -24.31
N MET A 30 -9.12 -29.38 -23.37
CA MET A 30 -10.50 -29.81 -23.20
C MET A 30 -11.36 -29.42 -24.39
N ILE A 31 -11.20 -28.18 -24.88
CA ILE A 31 -11.95 -27.73 -26.05
C ILE A 31 -11.62 -28.57 -27.27
N GLN A 32 -10.32 -28.79 -27.51
CA GLN A 32 -9.89 -29.54 -28.69
C GLN A 32 -10.48 -30.94 -28.71
N ALA A 33 -10.61 -31.57 -27.54
CA ALA A 33 -11.12 -32.93 -27.46
C ALA A 33 -12.64 -33.02 -27.48
N LEU A 34 -13.34 -31.89 -27.47
CA LEU A 34 -14.80 -31.94 -27.53
C LEU A 34 -15.25 -32.52 -28.87
N PRO A 35 -16.26 -33.38 -28.88
CA PRO A 35 -16.81 -33.85 -30.16
C PRO A 35 -17.36 -32.67 -30.96
N LEU A 36 -17.24 -32.78 -32.29
CA LEU A 36 -17.70 -31.71 -33.17
C LEU A 36 -19.13 -31.31 -32.86
N ASN A 37 -19.98 -32.30 -32.56
CA ASN A 37 -21.31 -32.08 -32.01
C ASN A 37 -21.31 -31.04 -30.89
N VAL A 38 -20.48 -31.27 -29.87
CA VAL A 38 -20.42 -30.34 -28.74
C VAL A 38 -19.72 -29.05 -29.13
N LYS A 39 -18.69 -29.15 -29.99
CA LYS A 39 -17.95 -27.96 -30.40
C LYS A 39 -18.86 -26.90 -31.03
N GLN A 40 -19.81 -27.35 -31.86
CA GLN A 40 -20.71 -26.40 -32.52
C GLN A 40 -21.64 -25.73 -31.53
N ARG A 41 -21.95 -26.38 -30.41
CA ARG A 41 -22.75 -25.72 -29.38
C ARG A 41 -21.94 -24.62 -28.70
N VAL A 42 -20.63 -24.83 -28.53
CA VAL A 42 -19.78 -23.79 -27.95
C VAL A 42 -19.68 -22.58 -28.88
N CYS A 43 -19.70 -22.82 -30.20
CA CYS A 43 -19.64 -21.70 -31.14
C CYS A 43 -20.93 -20.92 -31.13
N ALA A 44 -22.05 -21.58 -30.87
CA ALA A 44 -23.31 -20.88 -30.66
C ALA A 44 -23.25 -19.98 -29.44
N LEU A 45 -22.57 -20.43 -28.39
CA LEU A 45 -22.41 -19.60 -27.19
C LEU A 45 -21.51 -18.40 -27.46
N LYS A 46 -20.50 -18.56 -28.32
CA LYS A 46 -19.69 -17.40 -28.72
C LYS A 46 -20.53 -16.39 -29.48
N ASN A 47 -21.44 -16.88 -30.33
CA ASN A 47 -22.38 -16.00 -31.02
C ASN A 47 -23.28 -15.29 -30.02
N LEU A 48 -23.81 -16.03 -29.05
CA LEU A 48 -24.65 -15.42 -28.02
C LEU A 48 -23.86 -14.45 -27.14
N GLN A 49 -22.58 -14.76 -26.88
CA GLN A 49 -21.76 -13.89 -26.06
C GLN A 49 -21.60 -12.51 -26.70
N MET A 50 -21.49 -12.46 -28.03
CA MET A 50 -21.38 -11.19 -28.72
C MET A 50 -22.67 -10.38 -28.58
N LYS A 51 -23.82 -11.05 -28.61
CA LYS A 51 -25.09 -10.33 -28.41
C LYS A 51 -25.17 -9.75 -27.00
N THR A 52 -24.67 -10.49 -26.01
CA THR A 52 -24.56 -9.95 -24.65
C THR A 52 -23.65 -8.74 -24.62
N ILE A 53 -22.54 -8.78 -25.35
CA ILE A 53 -21.59 -7.67 -25.35
C ILE A 53 -22.21 -6.42 -25.95
N GLN A 54 -22.95 -6.57 -27.05
CA GLN A 54 -23.57 -5.41 -27.70
C GLN A 54 -24.57 -4.74 -26.77
N ILE A 55 -25.30 -5.52 -25.98
CA ILE A 55 -26.25 -4.94 -25.03
C ILE A 55 -25.50 -4.26 -23.89
N GLU A 56 -24.41 -4.88 -23.42
CA GLU A 56 -23.57 -4.26 -22.40
C GLU A 56 -23.05 -2.91 -22.86
N SER A 57 -22.71 -2.78 -24.14
CA SER A 57 -22.21 -1.52 -24.68
C SER A 57 -23.24 -0.41 -24.51
N ASP A 58 -24.52 -0.70 -24.75
CA ASP A 58 -25.55 0.30 -24.56
C ASP A 58 -25.73 0.65 -23.09
N PHE A 59 -25.54 -0.32 -22.19
CA PHE A 59 -25.61 -0.04 -20.77
C PHE A 59 -24.55 0.98 -20.35
N TYR A 60 -23.31 0.77 -20.78
CA TYR A 60 -22.23 1.67 -20.40
C TYR A 60 -22.42 3.07 -20.96
N LYS A 61 -22.99 3.18 -22.16
CA LYS A 61 -23.32 4.50 -22.69
C LYS A 61 -24.33 5.21 -21.81
N ARG A 62 -25.31 4.46 -21.29
CA ARG A 62 -26.29 5.05 -20.38
C ARG A 62 -25.66 5.45 -19.06
N VAL A 63 -24.68 4.68 -18.57
CA VAL A 63 -23.96 5.07 -17.36
C VAL A 63 -23.18 6.36 -17.61
N HIS A 64 -22.50 6.45 -18.75
CA HIS A 64 -21.73 7.63 -19.10
C HIS A 64 -22.62 8.87 -19.16
N GLU A 65 -23.82 8.75 -19.74
CA GLU A 65 -24.76 9.86 -19.74
C GLU A 65 -25.20 10.21 -18.32
N LEU A 66 -25.39 9.19 -17.48
CA LEU A 66 -25.74 9.42 -16.08
C LEU A 66 -24.62 10.18 -15.36
N GLU A 67 -23.36 9.83 -15.65
CA GLU A 67 -22.24 10.57 -15.08
C GLU A 67 -22.29 12.04 -15.46
N ILE A 68 -22.62 12.32 -16.72
CA ILE A 68 -22.69 13.71 -17.18
C ILE A 68 -23.78 14.46 -16.44
N GLU A 69 -24.93 13.81 -16.24
CA GLU A 69 -26.02 14.46 -15.52
C GLU A 69 -25.62 14.78 -14.08
N PHE A 70 -24.97 13.83 -13.39
CA PHE A 70 -24.64 14.10 -12.00
C PHE A 70 -23.40 14.96 -11.83
N GLU A 71 -22.61 15.15 -12.89
CA GLU A 71 -21.48 16.06 -12.79
C GLU A 71 -21.95 17.50 -12.63
N GLY A 72 -23.06 17.85 -13.28
CA GLY A 72 -23.65 19.15 -13.06
C GLY A 72 -24.18 19.30 -11.64
N LYS A 73 -24.72 18.21 -11.09
CA LYS A 73 -25.21 18.23 -9.71
C LYS A 73 -24.05 18.34 -8.72
N PHE A 74 -22.92 17.70 -9.01
CA PHE A 74 -21.74 17.77 -8.16
C PHE A 74 -21.07 19.13 -8.15
N LYS A 75 -21.29 19.94 -9.20
CA LYS A 75 -20.40 21.08 -9.48
C LYS A 75 -20.38 22.11 -8.36
N SER A 76 -21.54 22.42 -7.77
CA SER A 76 -21.58 23.52 -6.81
C SER A 76 -20.78 23.20 -5.55
N THR A 77 -20.83 21.94 -5.08
CA THR A 77 -20.07 21.58 -3.90
C THR A 77 -18.56 21.59 -4.17
N PHE A 78 -18.16 21.27 -5.41
CA PHE A 78 -16.75 21.37 -5.75
C PHE A 78 -16.33 22.84 -5.92
N ASP A 79 -17.21 23.66 -6.46
CA ASP A 79 -16.93 25.09 -6.58
C ASP A 79 -16.78 25.74 -5.21
N GLN A 80 -17.63 25.34 -4.26
CA GLN A 80 -17.52 25.87 -2.90
C GLN A 80 -16.25 25.40 -2.22
N ARG A 81 -15.81 24.18 -2.51
CA ARG A 81 -14.53 23.71 -2.00
C ARG A 81 -13.39 24.60 -2.50
N LYS A 82 -13.39 24.93 -3.79
CA LYS A 82 -12.33 25.76 -4.35
C LYS A 82 -12.31 27.14 -3.71
N ALA A 83 -13.49 27.72 -3.46
CA ALA A 83 -13.55 29.04 -2.85
C ALA A 83 -12.99 29.01 -1.43
N ILE A 84 -13.22 27.92 -0.70
CA ILE A 84 -12.67 27.79 0.65
C ILE A 84 -11.16 27.58 0.59
N VAL A 85 -10.69 26.72 -0.32
CA VAL A 85 -9.26 26.45 -0.43
C VAL A 85 -8.51 27.71 -0.82
N ALA A 86 -9.12 28.55 -1.66
CA ALA A 86 -8.48 29.78 -2.10
C ALA A 86 -8.65 30.91 -1.10
N GLY A 87 -9.43 30.72 -0.04
CA GLY A 87 -9.66 31.79 0.91
C GLY A 87 -10.61 32.86 0.43
N GLU A 88 -11.47 32.54 -0.54
CA GLU A 88 -12.41 33.54 -1.06
C GLU A 88 -13.66 33.65 -0.20
N VAL A 89 -13.99 32.63 0.59
CA VAL A 89 -15.12 32.66 1.50
C VAL A 89 -14.66 32.10 2.84
N GLU A 90 -15.18 32.63 3.92
CA GLU A 90 -14.83 32.06 5.20
C GLU A 90 -15.94 31.14 5.70
N PRO A 91 -15.58 30.09 6.45
CA PRO A 91 -16.58 29.10 6.86
C PRO A 91 -17.68 29.67 7.73
N THR A 92 -18.90 29.18 7.50
CA THR A 92 -20.03 29.50 8.35
C THR A 92 -19.93 28.73 9.67
N LYS A 93 -20.85 29.00 10.59
CA LYS A 93 -20.78 28.35 11.90
C LYS A 93 -21.28 26.91 11.84
N GLU A 94 -22.18 26.59 10.91
CA GLU A 94 -22.51 25.18 10.67
C GLU A 94 -21.29 24.42 10.16
N GLN A 95 -20.55 25.02 9.22
CA GLN A 95 -19.35 24.38 8.69
C GLN A 95 -18.27 24.26 9.76
N ILE A 96 -18.17 25.24 10.66
CA ILE A 96 -17.18 25.17 11.72
C ILE A 96 -17.56 24.08 12.74
N ASP A 97 -18.86 23.78 12.86
CA ASP A 97 -19.34 22.78 13.80
C ASP A 97 -19.09 21.35 13.31
N THR A 98 -18.62 21.16 12.09
CA THR A 98 -18.31 19.83 11.58
C THR A 98 -16.91 19.41 12.05
N PRO A 99 -16.77 18.26 12.70
CA PRO A 99 -15.44 17.86 13.18
C PRO A 99 -14.42 17.77 12.05
N ILE A 100 -13.21 18.26 12.33
CA ILE A 100 -12.15 18.24 11.32
C ILE A 100 -11.75 16.82 10.98
N LEU A 101 -11.84 15.90 11.93
CA LEU A 101 -11.52 14.49 11.72
C LEU A 101 -12.62 13.63 12.32
N GLU A 102 -12.73 12.41 11.81
CA GLU A 102 -13.75 11.48 12.26
C GLU A 102 -13.22 10.61 13.38
N GLY A 103 -14.12 10.15 14.24
CA GLY A 103 -13.75 9.18 15.25
C GLY A 103 -13.09 9.72 16.50
N LEU A 104 -13.09 11.03 16.71
CA LEU A 104 -12.45 11.60 17.89
C LEU A 104 -13.41 11.61 19.08
N GLU A 105 -12.99 12.23 20.16
CA GLU A 105 -13.85 12.54 21.28
C GLU A 105 -14.04 14.05 21.35
N GLY A 106 -14.93 14.49 22.23
CA GLY A 106 -15.10 15.91 22.41
C GLY A 106 -13.88 16.52 23.05
N ASP A 107 -13.25 15.78 23.97
CA ASP A 107 -11.96 16.17 24.53
C ASP A 107 -10.85 16.14 23.48
N GLN A 108 -10.82 15.09 22.67
CA GLN A 108 -9.80 15.01 21.61
C GLN A 108 -10.04 16.09 20.56
N LEU A 109 -11.31 16.34 20.22
CA LEU A 109 -11.61 17.38 19.25
C LEU A 109 -11.30 18.76 19.81
N ALA A 110 -11.66 19.01 21.08
CA ALA A 110 -11.36 20.29 21.70
C ALA A 110 -9.86 20.49 21.86
N GLU A 111 -9.14 19.41 22.21
CA GLU A 111 -7.68 19.51 22.29
C GLU A 111 -7.06 19.79 20.93
N LEU A 112 -7.65 19.25 19.86
CA LEU A 112 -7.14 19.51 18.53
C LEU A 112 -7.29 20.98 18.16
N TYR A 113 -8.46 21.57 18.43
CA TYR A 113 -8.70 22.96 18.09
C TYR A 113 -7.88 23.91 18.94
N LYS A 114 -7.41 23.49 20.11
CA LYS A 114 -6.59 24.31 20.98
C LYS A 114 -5.10 24.11 20.74
N ALA A 115 -4.71 23.30 19.75
CA ALA A 115 -3.31 22.98 19.55
C ALA A 115 -2.54 24.07 18.80
N ALA A 116 -3.23 24.97 18.10
CA ALA A 116 -2.56 26.03 17.36
C ALA A 116 -3.51 27.21 17.22
N GLU A 117 -3.11 28.36 17.76
CA GLU A 117 -3.93 29.55 17.66
C GLU A 117 -4.06 30.00 16.20
N ALA A 118 -5.05 30.85 15.96
CA ALA A 118 -5.30 31.33 14.61
C ALA A 118 -4.13 32.16 14.09
N ASP A 119 -3.94 32.13 12.77
CA ASP A 119 -2.91 32.92 12.10
C ASP A 119 -3.60 33.72 11.01
N PRO A 120 -3.86 35.01 11.24
CA PRO A 120 -4.61 35.80 10.24
C PRO A 120 -3.89 35.96 8.91
N SER A 121 -2.57 35.76 8.87
CA SER A 121 -1.85 35.89 7.61
C SER A 121 -1.98 34.66 6.73
N ALA A 122 -2.38 33.52 7.29
CA ALA A 122 -2.60 32.31 6.51
C ALA A 122 -3.96 32.40 5.83
N LYS A 123 -3.96 32.40 4.49
CA LYS A 123 -5.18 32.49 3.71
C LYS A 123 -5.48 31.14 3.05
N GLY A 124 -6.75 30.76 3.06
CA GLY A 124 -7.19 29.50 2.49
C GLY A 124 -6.54 28.31 3.15
N ILE A 125 -6.33 27.27 2.36
CA ILE A 125 -5.68 26.04 2.80
C ILE A 125 -4.48 25.82 1.89
N LYS A 126 -3.29 26.16 2.38
CA LYS A 126 -2.09 26.05 1.57
C LYS A 126 -1.76 24.59 1.27
N ASP A 127 -1.29 24.34 0.05
CA ASP A 127 -0.85 23.02 -0.39
C ASP A 127 -1.95 21.97 -0.29
N PHE A 128 -3.22 22.37 -0.47
CA PHE A 128 -4.32 21.43 -0.32
C PHE A 128 -4.23 20.32 -1.36
N TRP A 129 -4.12 20.69 -2.63
CA TRP A 129 -4.13 19.68 -3.69
C TRP A 129 -2.80 18.94 -3.79
N LEU A 130 -1.69 19.62 -3.47
CA LEU A 130 -0.42 18.91 -3.37
C LEU A 130 -0.47 17.83 -2.31
N THR A 131 -1.01 18.16 -1.12
CA THR A 131 -1.08 17.16 -0.06
C THR A 131 -2.04 16.03 -0.42
N ALA A 132 -3.19 16.36 -1.00
CA ALA A 132 -4.17 15.34 -1.37
C ALA A 132 -3.60 14.39 -2.42
N LEU A 133 -2.97 14.94 -3.47
CA LEU A 133 -2.39 14.10 -4.51
C LEU A 133 -1.25 13.24 -3.95
N ARG A 134 -0.44 13.81 -3.06
CA ARG A 134 0.71 13.09 -2.52
C ARG A 134 0.31 12.03 -1.50
N THR A 135 -0.93 12.03 -1.02
CA THR A 135 -1.41 11.01 -0.11
C THR A 135 -2.02 9.82 -0.85
N HIS A 136 -2.31 9.97 -2.14
CA HIS A 136 -2.64 8.82 -2.97
C HIS A 136 -1.35 8.20 -3.47
N ASP A 137 -1.20 6.89 -3.24
CA ASP A 137 0.10 6.25 -3.45
C ASP A 137 0.49 6.18 -4.92
N LEU A 138 -0.48 6.07 -5.83
CA LEU A 138 -0.17 6.04 -7.25
C LEU A 138 0.34 7.39 -7.74
N VAL A 139 -0.36 8.46 -7.39
CA VAL A 139 0.02 9.79 -7.88
C VAL A 139 1.30 10.26 -7.19
N ALA A 140 1.45 9.93 -5.90
CA ALA A 140 2.64 10.35 -5.16
C ALA A 140 3.93 9.82 -5.79
N GLU A 141 3.89 8.63 -6.38
CA GLU A 141 5.09 8.07 -7.00
C GLU A 141 5.49 8.83 -8.25
N ALA A 142 4.55 9.51 -8.91
CA ALA A 142 4.83 10.32 -10.08
C ALA A 142 5.29 11.73 -9.75
N ILE A 143 5.23 12.13 -8.49
CA ILE A 143 5.57 13.49 -8.07
C ILE A 143 7.01 13.50 -7.59
N GLU A 144 7.88 14.17 -8.34
CA GLU A 144 9.26 14.37 -7.92
C GLU A 144 9.37 15.66 -7.10
N GLU A 145 10.55 15.87 -6.52
CA GLU A 145 10.72 17.01 -5.62
C GLU A 145 10.63 18.33 -6.38
N HIS A 146 11.18 18.41 -7.59
CA HIS A 146 11.08 19.65 -8.34
C HIS A 146 9.64 19.96 -8.78
N ASP A 147 8.74 18.97 -8.71
CA ASP A 147 7.33 19.23 -8.99
C ASP A 147 6.62 19.85 -7.79
N VAL A 148 7.12 19.61 -6.58
CA VAL A 148 6.39 20.02 -5.37
C VAL A 148 6.11 21.52 -5.34
N PRO A 149 7.08 22.42 -5.56
CA PRO A 149 6.77 23.86 -5.49
C PRO A 149 5.84 24.32 -6.60
N ILE A 150 5.74 23.60 -7.71
CA ILE A 150 4.78 23.97 -8.75
C ILE A 150 3.37 23.57 -8.34
N LEU A 151 3.22 22.37 -7.77
CA LEU A 151 1.90 21.88 -7.39
C LEU A 151 1.29 22.67 -6.23
N SER A 152 2.08 23.48 -5.53
CA SER A 152 1.53 24.33 -4.48
C SER A 152 0.71 25.48 -5.03
N TYR A 153 0.85 25.78 -6.32
CA TYR A 153 0.01 26.78 -6.98
C TYR A 153 -1.28 26.19 -7.51
N LEU A 154 -1.52 24.90 -7.30
CA LEU A 154 -2.77 24.27 -7.70
C LEU A 154 -3.91 24.86 -6.89
N THR A 155 -4.86 25.50 -7.57
CA THR A 155 -6.05 26.03 -6.92
C THR A 155 -7.24 25.09 -7.04
N ASP A 156 -7.26 24.24 -8.07
CA ASP A 156 -8.38 23.34 -8.28
C ASP A 156 -7.96 22.23 -9.24
N VAL A 157 -8.59 21.07 -9.09
CA VAL A 157 -8.49 19.98 -10.05
C VAL A 157 -9.92 19.50 -10.33
N THR A 158 -10.34 19.59 -11.58
CA THR A 158 -11.71 19.26 -11.96
C THR A 158 -11.73 18.18 -13.03
N THR A 159 -12.90 17.58 -13.22
CA THR A 159 -13.08 16.55 -14.23
C THR A 159 -14.50 16.64 -14.76
N ALA A 160 -14.65 16.34 -16.05
CA ALA A 160 -15.94 16.35 -16.70
C ALA A 160 -15.92 15.35 -17.86
N ALA A 161 -17.04 14.67 -18.06
CA ALA A 161 -17.17 13.69 -19.12
C ALA A 161 -17.85 14.32 -20.34
N SER A 162 -17.57 13.76 -21.51
CA SER A 162 -18.10 14.27 -22.76
C SER A 162 -18.75 13.17 -23.57
N LYS A 163 -19.77 13.53 -24.34
CA LYS A 163 -20.48 12.61 -25.21
C LYS A 163 -20.13 12.78 -26.68
N ASP A 164 -19.92 14.03 -27.15
CA ASP A 164 -19.66 14.28 -28.56
C ASP A 164 -18.31 13.65 -28.97
N PRO A 165 -17.12 14.16 -28.56
CA PRO A 165 -16.00 13.22 -28.42
C PRO A 165 -16.16 12.45 -27.12
N ALA A 166 -16.42 11.15 -27.24
CA ALA A 166 -16.69 10.33 -26.06
C ALA A 166 -15.43 10.21 -25.20
N GLY A 167 -15.57 10.53 -23.92
CA GLY A 167 -14.43 10.41 -23.02
C GLY A 167 -14.63 11.31 -21.80
N PHE A 168 -13.50 11.73 -21.24
CA PHE A 168 -13.50 12.68 -20.13
C PHE A 168 -12.19 13.45 -20.15
N LYS A 169 -12.16 14.55 -19.40
CA LYS A 169 -10.97 15.36 -19.27
C LYS A 169 -10.73 15.65 -17.79
N ILE A 170 -9.48 15.95 -17.47
CA ILE A 170 -9.07 16.40 -16.14
C ILE A 170 -8.36 17.73 -16.30
N GLU A 171 -8.78 18.73 -15.54
CA GLU A 171 -8.24 20.08 -15.65
C GLU A 171 -7.52 20.43 -14.34
N PHE A 172 -6.27 20.86 -14.47
CA PHE A 172 -5.45 21.28 -13.34
C PHE A 172 -5.36 22.80 -13.38
N HIS A 173 -6.02 23.46 -12.43
CA HIS A 173 -6.07 24.91 -12.39
C HIS A 173 -4.92 25.44 -11.52
N PHE A 174 -4.11 26.33 -12.10
CA PHE A 174 -2.94 26.86 -11.45
C PHE A 174 -3.09 28.37 -11.28
N ALA A 175 -2.78 28.86 -10.08
CA ALA A 175 -2.65 30.30 -9.90
C ALA A 175 -1.42 30.81 -10.63
N THR A 176 -1.38 32.12 -10.85
CA THR A 176 -0.22 32.74 -11.46
C THR A 176 1.05 32.33 -10.75
N ASN A 177 2.03 31.84 -11.52
CA ASN A 177 3.19 31.18 -10.94
C ASN A 177 4.38 31.42 -11.85
N PRO A 178 5.60 31.35 -11.32
CA PRO A 178 6.80 31.62 -12.13
C PRO A 178 7.29 30.44 -12.95
N TYR A 179 6.57 29.33 -13.00
CA TYR A 179 7.02 28.16 -13.75
C TYR A 179 6.44 28.08 -15.15
N PHE A 180 5.15 28.39 -15.31
CA PHE A 180 4.56 28.44 -16.64
C PHE A 180 3.40 29.42 -16.63
N LYS A 181 3.02 29.88 -17.83
CA LYS A 181 1.96 30.87 -17.98
C LYS A 181 0.57 30.26 -17.99
N ASN A 182 0.46 28.94 -18.19
CA ASN A 182 -0.85 28.31 -18.28
C ASN A 182 -1.62 28.45 -16.98
N GLN A 183 -2.90 28.80 -17.09
CA GLN A 183 -3.79 28.79 -15.94
C GLN A 183 -4.47 27.45 -15.74
N VAL A 184 -4.75 26.73 -16.82
CA VAL A 184 -5.41 25.43 -16.76
C VAL A 184 -4.64 24.46 -17.64
N LEU A 185 -4.16 23.36 -17.06
CA LEU A 185 -3.55 22.27 -17.81
C LEU A 185 -4.57 21.16 -17.93
N THR A 186 -4.87 20.76 -19.16
CA THR A 186 -5.92 19.79 -19.45
C THR A 186 -5.33 18.50 -20.00
N LYS A 187 -5.82 17.37 -19.51
CA LYS A 187 -5.54 16.08 -20.10
C LYS A 187 -6.85 15.42 -20.48
N THR A 188 -6.94 14.96 -21.72
CA THR A 188 -8.17 14.40 -22.27
C THR A 188 -7.95 12.95 -22.66
N TYR A 189 -8.88 12.10 -22.28
CA TYR A 189 -8.90 10.71 -22.70
C TYR A 189 -10.10 10.47 -23.59
N LEU A 190 -9.86 9.95 -24.80
CA LEU A 190 -10.93 9.59 -25.71
C LEU A 190 -11.25 8.12 -25.52
N LEU A 191 -12.52 7.83 -25.25
CA LEU A 191 -12.97 6.49 -24.93
C LEU A 191 -13.79 5.90 -26.07
N GLY A 192 -13.65 4.60 -26.27
CA GLY A 192 -14.50 3.87 -27.20
C GLY A 192 -15.51 3.04 -26.43
N PHE A 193 -16.78 3.24 -26.75
CA PHE A 193 -17.87 2.56 -26.07
C PHE A 193 -18.43 1.40 -26.87
N ASP A 194 -17.95 1.19 -28.10
CA ASP A 194 -18.40 0.06 -28.89
C ASP A 194 -17.38 -1.07 -28.83
N PRO A 195 -17.80 -2.32 -29.03
CA PRO A 195 -16.83 -3.40 -29.16
C PRO A 195 -16.02 -3.21 -30.45
N ASP A 196 -14.72 -3.46 -30.35
CA ASP A 196 -13.85 -3.26 -31.49
C ASP A 196 -13.87 -4.48 -32.40
N ALA A 197 -13.94 -4.23 -33.71
CA ALA A 197 -14.07 -5.31 -34.68
C ALA A 197 -12.88 -6.26 -34.68
N GLU A 198 -11.72 -5.82 -34.21
CA GLU A 198 -10.54 -6.67 -34.19
C GLU A 198 -10.52 -7.62 -32.99
N ALA A 199 -11.24 -7.28 -31.91
CA ALA A 199 -11.32 -8.14 -30.72
C ALA A 199 -12.64 -7.86 -30.02
N PRO A 200 -13.76 -8.27 -30.63
CA PRO A 200 -15.07 -7.90 -30.06
C PRO A 200 -15.37 -8.61 -28.75
N LEU A 201 -14.95 -9.87 -28.59
CA LEU A 201 -15.22 -10.59 -27.36
C LEU A 201 -14.39 -10.11 -26.18
N GLN A 202 -13.43 -9.22 -26.40
CA GLN A 202 -12.61 -8.67 -25.33
C GLN A 202 -13.21 -7.40 -24.74
N PHE A 203 -14.35 -6.95 -25.23
CA PHE A 203 -14.97 -5.74 -24.72
C PHE A 203 -15.29 -5.90 -23.24
N ASP A 204 -14.68 -5.04 -22.42
CA ASP A 204 -14.88 -5.04 -20.97
C ASP A 204 -15.54 -3.75 -20.49
N GLY A 205 -15.97 -2.91 -21.42
CA GLY A 205 -16.49 -1.60 -21.09
C GLY A 205 -15.79 -0.54 -21.91
N PRO A 206 -15.97 0.73 -21.56
CA PRO A 206 -15.30 1.80 -22.31
C PRO A 206 -13.79 1.65 -22.20
N HIS A 207 -13.14 1.61 -23.36
CA HIS A 207 -11.69 1.43 -23.44
C HIS A 207 -11.04 2.70 -23.97
N VAL A 208 -9.88 3.04 -23.42
CA VAL A 208 -9.18 4.25 -23.82
C VAL A 208 -8.61 4.07 -25.23
N ILE A 209 -8.95 4.98 -26.13
CA ILE A 209 -8.41 4.96 -27.48
C ILE A 209 -7.07 5.68 -27.54
N ARG A 210 -7.04 6.92 -27.07
CA ARG A 210 -5.83 7.72 -27.04
C ARG A 210 -5.98 8.79 -25.98
N ALA A 211 -4.86 9.22 -25.41
CA ALA A 211 -4.81 10.32 -24.47
C ALA A 211 -4.21 11.54 -25.15
N VAL A 212 -4.79 12.71 -24.88
CA VAL A 212 -4.32 13.97 -25.44
C VAL A 212 -3.95 14.88 -24.29
N GLY A 213 -2.74 15.41 -24.33
CA GLY A 213 -2.20 16.26 -23.28
C GLY A 213 -2.37 17.73 -23.59
N ASP A 214 -1.37 18.52 -23.21
CA ASP A 214 -1.47 19.97 -23.30
C ASP A 214 -0.07 20.56 -23.35
N THR A 215 0.06 21.64 -24.10
CA THR A 215 1.35 22.31 -24.23
C THR A 215 1.54 23.26 -23.05
N ILE A 216 2.63 23.06 -22.31
CA ILE A 216 2.95 23.87 -21.15
C ILE A 216 3.88 25.00 -21.60
N GLU A 217 3.48 26.25 -21.32
CA GLU A 217 4.27 27.41 -21.72
C GLU A 217 5.25 27.74 -20.58
N TRP A 218 6.31 26.94 -20.50
CA TRP A 218 7.29 27.09 -19.44
C TRP A 218 8.00 28.44 -19.52
N GLU A 219 8.29 29.02 -18.37
CA GLU A 219 9.21 30.15 -18.35
C GLU A 219 10.64 29.65 -18.43
N ASP A 220 11.54 30.56 -18.82
CA ASP A 220 12.92 30.19 -19.12
C ASP A 220 13.60 29.56 -17.90
N GLY A 221 14.18 28.38 -18.10
CA GLY A 221 14.88 27.68 -17.05
C GLY A 221 14.02 26.99 -16.02
N LYS A 222 12.72 26.90 -16.25
CA LYS A 222 11.79 26.32 -15.28
C LYS A 222 11.23 24.98 -15.70
N ASN A 223 11.58 24.48 -16.89
CA ASN A 223 11.01 23.24 -17.41
C ASN A 223 11.57 22.05 -16.62
N VAL A 224 10.77 21.53 -15.68
CA VAL A 224 11.19 20.40 -14.85
C VAL A 224 11.09 19.07 -15.57
N THR A 225 10.57 19.05 -16.80
CA THR A 225 10.50 17.82 -17.58
C THR A 225 11.78 17.58 -18.39
N LYS A 226 12.72 18.52 -18.37
CA LYS A 226 13.98 18.40 -19.07
C LYS A 226 15.12 18.63 -18.09
N LYS A 227 16.24 17.97 -18.34
CA LYS A 227 17.42 18.09 -17.48
C LYS A 227 18.67 17.97 -18.32
N ALA A 228 19.77 18.49 -17.78
CA ALA A 228 21.06 18.40 -18.45
C ALA A 228 21.92 17.31 -17.84
N THR A 246 20.52 17.84 -23.08
CA THR A 246 19.17 17.80 -22.55
C THR A 246 18.51 16.46 -22.81
N VAL A 247 18.01 15.83 -21.74
CA VAL A 247 17.35 14.54 -21.81
C VAL A 247 16.05 14.64 -21.02
N LYS A 248 15.15 13.68 -21.27
CA LYS A 248 13.90 13.59 -20.53
C LYS A 248 14.16 13.47 -19.03
N ALA A 249 13.56 14.35 -18.25
CA ALA A 249 13.60 14.26 -16.80
C ALA A 249 12.32 13.65 -16.25
N ASP A 250 12.43 13.01 -15.10
CA ASP A 250 11.28 12.43 -14.41
C ASP A 250 10.47 13.55 -13.77
N SER A 251 9.21 13.69 -14.17
CA SER A 251 8.40 14.78 -13.65
C SER A 251 6.93 14.41 -13.78
N PHE A 252 6.14 14.76 -12.75
CA PHE A 252 4.70 14.63 -12.84
C PHE A 252 4.14 15.31 -14.07
N PHE A 253 4.79 16.37 -14.54
CA PHE A 253 4.25 17.16 -15.65
C PHE A 253 4.46 16.49 -17.00
N ASN A 254 5.18 15.37 -17.05
CA ASN A 254 5.16 14.53 -18.24
C ASN A 254 3.78 13.91 -18.46
N PHE A 255 2.92 13.94 -17.43
CA PHE A 255 1.52 13.53 -17.58
C PHE A 255 0.82 14.27 -18.71
N PHE A 256 1.30 15.46 -19.08
CA PHE A 256 0.65 16.26 -20.11
C PHE A 256 1.30 16.11 -21.48
N GLU A 257 2.21 15.14 -21.63
CA GLU A 257 2.73 14.73 -22.94
C GLU A 257 2.59 13.21 -23.04
N PRO A 258 1.39 12.71 -23.30
CA PRO A 258 1.20 11.27 -23.44
C PRO A 258 1.83 10.76 -24.71
N PRO A 259 2.08 9.43 -24.82
CA PRO A 259 2.70 8.81 -25.99
C PRO A 259 2.08 9.22 -27.33
N GLU A 272 3.46 -3.90 -27.66
CA GLU A 272 2.85 -4.30 -26.40
C GLU A 272 3.32 -3.40 -25.27
N GLN A 273 4.41 -2.67 -25.49
CA GLN A 273 4.89 -1.74 -24.49
C GLN A 273 4.13 -0.42 -24.55
N ALA A 274 3.83 0.07 -25.75
CA ALA A 274 3.05 1.30 -25.88
C ALA A 274 1.60 1.11 -25.44
N GLU A 275 1.05 -0.09 -25.64
CA GLU A 275 -0.30 -0.37 -25.16
C GLU A 275 -0.36 -0.36 -23.64
N GLU A 276 0.62 -0.95 -22.97
CA GLU A 276 0.67 -0.93 -21.51
C GLU A 276 1.11 0.42 -20.98
N PHE A 277 1.78 1.23 -21.80
CA PHE A 277 2.12 2.59 -21.38
C PHE A 277 0.88 3.47 -21.32
N LEU A 278 -0.01 3.33 -22.30
CA LEU A 278 -1.29 4.03 -22.25
C LEU A 278 -2.14 3.55 -21.09
N GLU A 279 -2.04 2.26 -20.77
CA GLU A 279 -2.83 1.70 -19.66
C GLU A 279 -2.40 2.31 -18.33
N LEU A 280 -1.10 2.46 -18.11
CA LEU A 280 -0.63 3.08 -16.87
C LEU A 280 -1.01 4.55 -16.81
N ASP A 281 -0.90 5.25 -17.94
CA ASP A 281 -1.32 6.65 -17.98
C ASP A 281 -2.82 6.78 -17.73
N TYR A 282 -3.61 5.88 -18.30
CA TYR A 282 -5.06 5.92 -18.09
C TYR A 282 -5.44 5.59 -16.66
N GLU A 283 -4.72 4.64 -16.04
CA GLU A 283 -5.00 4.30 -14.64
C GLU A 283 -4.72 5.49 -13.73
N MET A 284 -3.65 6.25 -14.02
CA MET A 284 -3.37 7.44 -13.24
C MET A 284 -4.48 8.48 -13.40
N GLY A 285 -4.95 8.69 -14.64
CA GLY A 285 -6.07 9.60 -14.85
C GLY A 285 -7.32 9.14 -14.14
N GLN A 286 -7.54 7.82 -14.10
CA GLN A 286 -8.71 7.29 -13.40
C GLN A 286 -8.61 7.53 -11.90
N ALA A 287 -7.44 7.29 -11.32
CA ALA A 287 -7.23 7.57 -9.90
C ALA A 287 -7.58 9.02 -9.56
N ILE A 288 -7.21 9.96 -10.44
CA ILE A 288 -7.48 11.37 -10.17
C ILE A 288 -8.98 11.67 -10.33
N ARG A 289 -9.56 11.23 -11.44
CA ARG A 289 -10.97 11.52 -11.71
C ARG A 289 -11.89 10.80 -10.74
N ASP A 290 -11.69 9.48 -10.57
CA ASP A 290 -12.67 8.68 -9.84
C ASP A 290 -12.45 8.71 -8.33
N THR A 291 -11.21 8.88 -7.87
CA THR A 291 -10.88 8.71 -6.45
C THR A 291 -10.50 10.03 -5.79
N ILE A 292 -9.51 10.74 -6.31
CA ILE A 292 -8.96 11.90 -5.61
C ILE A 292 -9.92 13.08 -5.67
N ILE A 293 -10.36 13.44 -6.87
CA ILE A 293 -11.21 14.63 -7.03
C ILE A 293 -12.47 14.57 -6.16
N PRO A 294 -13.27 13.49 -6.18
CA PRO A 294 -14.49 13.50 -5.37
C PRO A 294 -14.25 13.49 -3.86
N ARG A 295 -13.09 13.04 -3.39
CA ARG A 295 -12.83 12.86 -1.97
C ARG A 295 -11.53 13.54 -1.56
N ALA A 296 -11.25 14.72 -2.11
CA ALA A 296 -9.95 15.35 -1.95
C ALA A 296 -9.64 15.63 -0.48
N VAL A 297 -10.60 16.15 0.27
CA VAL A 297 -10.32 16.54 1.66
C VAL A 297 -9.97 15.32 2.50
N LEU A 298 -10.49 14.14 2.16
CA LEU A 298 -10.16 12.94 2.91
C LEU A 298 -8.73 12.50 2.67
N PHE A 299 -8.19 12.76 1.47
CA PHE A 299 -6.78 12.53 1.23
C PHE A 299 -5.92 13.60 1.90
N TYR A 300 -6.42 14.83 1.97
CA TYR A 300 -5.68 15.91 2.62
C TYR A 300 -5.46 15.60 4.10
N THR A 301 -6.52 15.16 4.79
CA THR A 301 -6.38 14.80 6.20
C THR A 301 -5.68 13.47 6.40
N GLY A 302 -5.61 12.64 5.37
CA GLY A 302 -5.04 11.31 5.51
C GLY A 302 -5.98 10.29 6.11
N GLU A 303 -7.27 10.60 6.25
CA GLU A 303 -8.23 9.61 6.71
C GLU A 303 -8.55 8.59 5.63
N LEU A 304 -8.30 8.93 4.37
CA LEU A 304 -8.47 8.03 3.24
C LEU A 304 -7.13 7.78 2.59
N GLN A 305 -6.84 6.51 2.31
CA GLN A 305 -5.59 6.10 1.69
C GLN A 305 -5.93 5.16 0.55
N SER A 306 -5.14 5.22 -0.52
CA SER A 306 -5.45 4.44 -1.72
C SER A 306 -4.22 4.23 -2.60
N LEU B 16 2.81 -20.51 -5.75
CA LEU B 16 2.30 -19.71 -4.63
C LEU B 16 0.97 -20.25 -4.12
N TYR B 17 0.47 -21.31 -4.76
CA TYR B 17 -0.75 -21.97 -4.32
C TYR B 17 -0.64 -23.45 -4.64
N PHE B 18 -0.83 -24.28 -3.62
CA PHE B 18 -0.77 -25.73 -3.76
C PHE B 18 -2.17 -26.30 -3.92
N GLN B 19 -2.33 -27.21 -4.88
CA GLN B 19 -3.56 -27.99 -5.00
C GLN B 19 -3.35 -29.28 -4.23
N HIS B 20 -3.78 -29.28 -2.96
CA HIS B 20 -3.63 -30.45 -2.10
C HIS B 20 -4.39 -31.66 -2.61
N MET B 21 -5.28 -31.51 -3.58
CA MET B 21 -6.05 -32.60 -4.15
C MET B 21 -5.71 -32.72 -5.62
N GLY B 22 -5.38 -33.94 -6.05
CA GLY B 22 -4.87 -34.13 -7.40
C GLY B 22 -5.91 -33.85 -8.47
N LEU B 23 -7.16 -34.30 -8.27
CA LEU B 23 -8.19 -34.09 -9.29
C LEU B 23 -8.42 -32.62 -9.61
N LEU B 24 -8.08 -31.72 -8.68
CA LEU B 24 -8.28 -30.30 -8.90
C LEU B 24 -7.14 -29.63 -9.65
N SER B 25 -6.15 -30.40 -10.09
CA SER B 25 -5.01 -29.81 -10.78
C SER B 25 -5.46 -29.17 -12.10
N THR B 26 -4.74 -28.12 -12.50
CA THR B 26 -5.09 -27.40 -13.71
C THR B 26 -4.81 -28.24 -14.97
N ASN B 27 -3.85 -29.15 -14.89
CA ASN B 27 -3.50 -30.02 -16.01
C ASN B 27 -3.96 -31.46 -15.77
N PHE B 28 -5.01 -31.66 -14.97
CA PHE B 28 -5.45 -33.02 -14.65
C PHE B 28 -5.89 -33.77 -15.90
N ASP B 29 -6.65 -33.10 -16.77
CA ASP B 29 -7.10 -33.77 -17.99
C ASP B 29 -5.92 -34.24 -18.83
N MET B 30 -4.86 -33.43 -18.88
CA MET B 30 -3.66 -33.83 -19.61
C MET B 30 -2.99 -35.04 -18.95
N ILE B 31 -2.86 -35.01 -17.62
CA ILE B 31 -2.26 -36.12 -16.90
C ILE B 31 -3.09 -37.38 -17.09
N GLN B 32 -4.41 -37.28 -16.91
CA GLN B 32 -5.29 -38.44 -17.01
C GLN B 32 -5.18 -39.10 -18.38
N ALA B 33 -5.01 -38.30 -19.44
CA ALA B 33 -4.95 -38.85 -20.79
C ALA B 33 -3.56 -39.38 -21.15
N LEU B 34 -2.56 -39.20 -20.28
CA LEU B 34 -1.24 -39.74 -20.57
C LEU B 34 -1.28 -41.27 -20.59
N PRO B 35 -0.60 -41.90 -21.54
CA PRO B 35 -0.49 -43.36 -21.49
C PRO B 35 0.25 -43.80 -20.24
N LEU B 36 -0.14 -44.98 -19.73
CA LEU B 36 0.48 -45.51 -18.52
C LEU B 36 2.00 -45.54 -18.65
N ASN B 37 2.49 -45.86 -19.85
CA ASN B 37 3.88 -45.68 -20.21
C ASN B 37 4.44 -44.33 -19.76
N VAL B 38 3.78 -43.24 -20.15
CA VAL B 38 4.24 -41.91 -19.78
C VAL B 38 3.93 -41.61 -18.31
N LYS B 39 2.79 -42.12 -17.82
CA LYS B 39 2.40 -41.86 -16.44
C LYS B 39 3.46 -42.33 -15.45
N GLN B 40 4.06 -43.49 -15.71
CA GLN B 40 5.06 -44.03 -14.80
C GLN B 40 6.31 -43.16 -14.77
N ARG B 41 6.61 -42.46 -15.86
CA ARG B 41 7.73 -41.52 -15.84
C ARG B 41 7.41 -40.30 -14.99
N VAL B 42 6.15 -39.86 -15.00
CA VAL B 42 5.76 -38.74 -14.14
C VAL B 42 5.83 -39.16 -12.67
N CYS B 43 5.54 -40.42 -12.37
CA CYS B 43 5.62 -40.88 -10.98
C CYS B 43 7.06 -40.99 -10.53
N ALA B 44 7.99 -41.31 -11.44
CA ALA B 44 9.40 -41.24 -11.12
C ALA B 44 9.82 -39.80 -10.80
N LEU B 45 9.26 -38.84 -11.53
CA LEU B 45 9.58 -37.44 -11.26
C LEU B 45 9.03 -36.98 -9.91
N LYS B 46 7.86 -37.49 -9.50
CA LYS B 46 7.34 -37.17 -8.18
C LYS B 46 8.27 -37.69 -7.09
N ASN B 47 8.80 -38.90 -7.27
CA ASN B 47 9.77 -39.45 -6.33
C ASN B 47 11.03 -38.59 -6.29
N LEU B 48 11.54 -38.19 -7.46
CA LEU B 48 12.71 -37.32 -7.51
C LEU B 48 12.42 -35.96 -6.90
N GLN B 49 11.19 -35.46 -7.08
CA GLN B 49 10.81 -34.18 -6.50
C GLN B 49 10.92 -34.20 -4.98
N MET B 50 10.57 -35.34 -4.37
CA MET B 50 10.70 -35.47 -2.92
C MET B 50 12.16 -35.42 -2.48
N LYS B 51 13.06 -36.01 -3.27
CA LYS B 51 14.48 -35.94 -2.94
C LYS B 51 14.99 -34.51 -3.09
N THR B 52 14.49 -33.78 -4.08
CA THR B 52 14.82 -32.36 -4.20
C THR B 52 14.33 -31.59 -2.97
N ILE B 53 13.14 -31.93 -2.46
CA ILE B 53 12.58 -31.24 -1.31
C ILE B 53 13.45 -31.50 -0.07
N GLN B 54 13.89 -32.75 0.11
CA GLN B 54 14.71 -33.07 1.27
C GLN B 54 16.02 -32.30 1.27
N ILE B 55 16.61 -32.11 0.08
CA ILE B 55 17.85 -31.33 -0.01
C ILE B 55 17.57 -29.87 0.30
N GLU B 56 16.48 -29.33 -0.23
CA GLU B 56 16.07 -27.97 0.10
C GLU B 56 15.88 -27.80 1.60
N SER B 57 15.35 -28.83 2.27
CA SER B 57 15.20 -28.78 3.71
C SER B 57 16.55 -28.58 4.41
N ASP B 58 17.58 -29.28 3.94
CA ASP B 58 18.91 -29.10 4.53
C ASP B 58 19.48 -27.72 4.22
N PHE B 59 19.18 -27.18 3.03
CA PHE B 59 19.63 -25.84 2.68
C PHE B 59 19.06 -24.80 3.64
N TYR B 60 17.76 -24.86 3.88
CA TYR B 60 17.12 -23.87 4.76
C TYR B 60 17.62 -23.97 6.19
N LYS B 61 17.94 -25.19 6.66
CA LYS B 61 18.54 -25.31 7.99
C LYS B 61 19.89 -24.61 8.05
N ARG B 62 20.68 -24.70 6.98
CA ARG B 62 21.95 -24.00 6.92
C ARG B 62 21.77 -22.48 6.87
N VAL B 63 20.71 -22.01 6.21
CA VAL B 63 20.42 -20.58 6.23
C VAL B 63 20.08 -20.14 7.64
N HIS B 64 19.25 -20.92 8.35
CA HIS B 64 18.88 -20.60 9.71
C HIS B 64 20.11 -20.54 10.63
N GLU B 65 21.04 -21.48 10.45
CA GLU B 65 22.29 -21.43 11.22
C GLU B 65 23.11 -20.19 10.84
N LEU B 66 23.10 -19.82 9.56
CA LEU B 66 23.80 -18.62 9.14
C LEU B 66 23.20 -17.38 9.80
N GLU B 67 21.88 -17.34 9.94
CA GLU B 67 21.24 -16.24 10.67
C GLU B 67 21.71 -16.19 12.12
N ILE B 68 21.80 -17.36 12.77
CA ILE B 68 22.26 -17.41 14.16
C ILE B 68 23.70 -16.96 14.26
N GLU B 69 24.54 -17.39 13.32
CA GLU B 69 25.95 -17.00 13.32
C GLU B 69 26.10 -15.48 13.20
N PHE B 70 25.30 -14.86 12.35
CA PHE B 70 25.37 -13.43 12.10
C PHE B 70 24.69 -12.58 13.17
N GLU B 71 23.98 -13.19 14.11
CA GLU B 71 23.28 -12.41 15.15
C GLU B 71 24.25 -11.59 15.98
N GLY B 72 25.44 -12.12 16.25
CA GLY B 72 26.43 -11.36 16.99
C GLY B 72 26.93 -10.15 16.23
N LYS B 73 27.08 -10.26 14.91
CA LYS B 73 27.52 -9.12 14.12
C LYS B 73 26.45 -8.04 14.08
N PHE B 74 25.18 -8.43 13.96
CA PHE B 74 24.10 -7.46 13.96
C PHE B 74 23.89 -6.84 15.33
N LYS B 75 24.29 -7.54 16.39
CA LYS B 75 23.92 -7.14 17.76
C LYS B 75 24.52 -5.78 18.09
N SER B 76 25.76 -5.53 17.66
CA SER B 76 26.45 -4.30 18.03
C SER B 76 25.76 -3.08 17.43
N THR B 77 25.30 -3.18 16.18
CA THR B 77 24.63 -2.04 15.57
C THR B 77 23.26 -1.81 16.16
N PHE B 78 22.57 -2.88 16.58
CA PHE B 78 21.27 -2.72 17.23
C PHE B 78 21.42 -2.22 18.66
N ASP B 79 22.45 -2.69 19.36
CA ASP B 79 22.70 -2.21 20.72
C ASP B 79 23.07 -0.73 20.73
N GLN B 80 23.86 -0.29 19.75
CA GLN B 80 24.20 1.13 19.67
C GLN B 80 22.99 1.97 19.33
N ARG B 81 22.09 1.45 18.50
CA ARG B 81 20.83 2.13 18.20
C ARG B 81 20.01 2.32 19.48
N LYS B 82 19.89 1.26 20.29
CA LYS B 82 19.10 1.35 21.51
C LYS B 82 19.66 2.41 22.45
N ALA B 83 20.98 2.49 22.58
CA ALA B 83 21.60 3.50 23.44
C ALA B 83 21.34 4.92 22.93
N ILE B 84 21.32 5.10 21.61
CA ILE B 84 21.07 6.43 21.07
C ILE B 84 19.61 6.83 21.29
N VAL B 85 18.69 5.91 21.04
CA VAL B 85 17.27 6.20 21.22
C VAL B 85 16.94 6.52 22.68
N ALA B 86 17.63 5.86 23.61
CA ALA B 86 17.37 6.05 25.04
C ALA B 86 18.06 7.28 25.63
N GLY B 87 18.94 7.95 24.87
CA GLY B 87 19.66 9.07 25.43
C GLY B 87 20.76 8.66 26.38
N GLU B 88 21.23 7.41 26.31
CA GLU B 88 22.31 6.96 27.17
C GLU B 88 23.68 7.31 26.62
N VAL B 89 23.77 7.59 25.33
CA VAL B 89 25.03 7.93 24.68
C VAL B 89 24.81 9.17 23.83
N GLU B 90 25.82 9.99 23.76
CA GLU B 90 25.68 11.14 22.87
C GLU B 90 26.36 10.84 21.53
N PRO B 91 25.82 11.35 20.43
CA PRO B 91 26.40 11.05 19.12
C PRO B 91 27.81 11.63 19.01
N THR B 92 28.70 10.86 18.41
CA THR B 92 30.01 11.39 18.07
C THR B 92 29.89 12.32 16.86
N LYS B 93 30.99 12.99 16.53
CA LYS B 93 30.92 13.94 15.42
C LYS B 93 30.98 13.25 14.07
N GLU B 94 31.58 12.05 14.00
CA GLU B 94 31.45 11.25 12.79
C GLU B 94 29.99 10.91 12.52
N GLN B 95 29.25 10.56 13.56
CA GLN B 95 27.82 10.31 13.41
C GLN B 95 27.07 11.58 13.07
N ILE B 96 27.52 12.73 13.57
CA ILE B 96 26.84 13.99 13.29
C ILE B 96 27.01 14.40 11.84
N ASP B 97 28.10 13.98 11.18
CA ASP B 97 28.34 14.31 9.78
C ASP B 97 27.50 13.49 8.83
N THR B 98 26.76 12.49 9.30
CA THR B 98 25.92 11.70 8.42
C THR B 98 24.61 12.45 8.18
N PRO B 99 24.23 12.70 6.93
CA PRO B 99 23.00 13.44 6.65
C PRO B 99 21.77 12.75 7.24
N ILE B 100 20.87 13.56 7.81
CA ILE B 100 19.66 13.02 8.40
C ILE B 100 18.77 12.37 7.34
N LEU B 101 18.80 12.89 6.11
CA LEU B 101 18.03 12.33 5.02
C LEU B 101 18.90 12.24 3.79
N GLU B 102 18.55 11.31 2.90
CA GLU B 102 19.32 11.10 1.69
C GLU B 102 18.73 11.90 0.52
N GLY B 103 19.60 12.22 -0.44
CA GLY B 103 19.21 12.81 -1.71
C GLY B 103 19.06 14.32 -1.72
N LEU B 104 19.39 15.01 -0.63
CA LEU B 104 19.44 16.46 -0.61
C LEU B 104 20.87 16.91 -0.89
N GLU B 105 21.10 18.22 -0.86
CA GLU B 105 22.44 18.77 -0.68
C GLU B 105 22.39 19.78 0.47
N GLY B 106 23.54 20.40 0.76
CA GLY B 106 23.66 21.27 1.90
C GLY B 106 22.75 22.49 1.89
N ASP B 107 22.34 22.94 0.72
CA ASP B 107 21.35 24.01 0.70
C ASP B 107 20.09 23.57 1.43
N GLN B 108 19.57 22.39 1.09
CA GLN B 108 18.44 21.82 1.81
C GLN B 108 18.86 21.23 3.16
N LEU B 109 20.03 20.60 3.21
CA LEU B 109 20.46 19.95 4.46
C LEU B 109 20.76 20.97 5.56
N ALA B 110 21.44 22.07 5.24
CA ALA B 110 21.70 23.09 6.26
C ALA B 110 20.41 23.76 6.71
N GLU B 111 19.48 23.99 5.77
CA GLU B 111 18.19 24.55 6.13
C GLU B 111 17.38 23.61 7.02
N LEU B 112 17.54 22.30 6.80
CA LEU B 112 16.83 21.33 7.64
C LEU B 112 17.31 21.40 9.08
N TYR B 113 18.62 21.46 9.29
CA TYR B 113 19.17 21.48 10.64
C TYR B 113 18.87 22.79 11.37
N LYS B 114 18.60 23.87 10.65
CA LYS B 114 18.28 25.16 11.26
C LYS B 114 16.78 25.38 11.42
N ALA B 115 15.96 24.39 11.11
CA ALA B 115 14.51 24.58 11.15
C ALA B 115 13.93 24.48 12.56
N ALA B 116 14.68 23.91 13.51
CA ALA B 116 14.21 23.79 14.88
C ALA B 116 15.42 23.77 15.80
N GLU B 117 15.48 24.73 16.71
CA GLU B 117 16.59 24.83 17.65
C GLU B 117 16.63 23.63 18.58
N ALA B 118 17.78 23.42 19.21
CA ALA B 118 17.94 22.31 20.14
C ALA B 118 17.04 22.50 21.36
N ASP B 119 16.60 21.39 21.94
CA ASP B 119 15.78 21.40 23.15
C ASP B 119 16.45 20.51 24.19
N PRO B 120 17.12 21.10 25.18
CA PRO B 120 17.86 20.29 26.16
C PRO B 120 16.99 19.37 27.01
N SER B 121 15.68 19.65 27.12
CA SER B 121 14.82 18.76 27.90
C SER B 121 14.40 17.53 27.11
N ALA B 122 14.54 17.54 25.78
CA ALA B 122 14.23 16.37 24.98
C ALA B 122 15.40 15.39 25.05
N LYS B 123 15.15 14.21 25.60
CA LYS B 123 16.16 13.17 25.74
C LYS B 123 15.88 12.03 24.77
N GLY B 124 16.95 11.51 24.17
CA GLY B 124 16.86 10.44 23.21
C GLY B 124 16.01 10.82 22.01
N ILE B 125 15.33 9.82 21.46
CA ILE B 125 14.39 9.99 20.36
C ILE B 125 13.06 9.43 20.82
N LYS B 126 12.14 10.30 21.22
CA LYS B 126 10.85 9.86 21.73
C LYS B 126 10.02 9.23 20.62
N ASP B 127 9.27 8.18 20.98
CA ASP B 127 8.34 7.51 20.07
C ASP B 127 9.06 6.92 18.85
N PHE B 128 10.31 6.49 19.02
CA PHE B 128 11.06 5.98 17.87
C PHE B 128 10.43 4.72 17.31
N TRP B 129 10.19 3.71 18.16
CA TRP B 129 9.67 2.44 17.69
C TRP B 129 8.18 2.52 17.36
N LEU B 130 7.43 3.36 18.07
CA LEU B 130 6.04 3.61 17.70
C LEU B 130 5.95 4.18 16.28
N THR B 131 6.78 5.18 15.98
CA THR B 131 6.77 5.78 14.64
C THR B 131 7.19 4.79 13.57
N ALA B 132 8.23 4.00 13.85
CA ALA B 132 8.72 3.03 12.87
C ALA B 132 7.67 1.96 12.58
N LEU B 133 7.07 1.40 13.64
CA LEU B 133 6.06 0.36 13.43
C LEU B 133 4.84 0.91 12.70
N ARG B 134 4.41 2.13 13.04
CA ARG B 134 3.23 2.71 12.41
C ARG B 134 3.48 3.21 11.00
N THR B 135 4.73 3.28 10.56
CA THR B 135 5.04 3.63 9.18
C THR B 135 5.09 2.41 8.27
N HIS B 136 5.15 1.21 8.84
CA HIS B 136 4.94 -0.01 8.07
C HIS B 136 3.44 -0.28 8.00
N ASP B 137 2.90 -0.40 6.79
CA ASP B 137 1.46 -0.40 6.62
C ASP B 137 0.80 -1.64 7.19
N LEU B 138 1.51 -2.77 7.21
CA LEU B 138 0.93 -3.98 7.80
C LEU B 138 0.77 -3.81 9.31
N VAL B 139 1.82 -3.34 9.98
CA VAL B 139 1.78 -3.19 11.43
C VAL B 139 0.89 -2.01 11.83
N ALA B 140 0.92 -0.93 11.03
CA ALA B 140 0.11 0.24 11.36
C ALA B 140 -1.37 -0.10 11.43
N GLU B 141 -1.83 -1.01 10.58
CA GLU B 141 -3.24 -1.38 10.58
C GLU B 141 -3.63 -2.17 11.82
N ALA B 142 -2.65 -2.82 12.48
CA ALA B 142 -2.89 -3.53 13.72
C ALA B 142 -2.82 -2.63 14.94
N ILE B 143 -2.40 -1.38 14.79
CA ILE B 143 -2.23 -0.45 15.91
C ILE B 143 -3.48 0.42 15.99
N GLU B 144 -4.25 0.24 17.06
CA GLU B 144 -5.41 1.08 17.33
C GLU B 144 -4.99 2.32 18.13
N GLU B 145 -5.94 3.23 18.32
CA GLU B 145 -5.62 4.49 18.99
C GLU B 145 -5.25 4.26 20.45
N HIS B 146 -5.94 3.34 21.12
CA HIS B 146 -5.61 3.03 22.52
C HIS B 146 -4.27 2.31 22.65
N ASP B 147 -3.72 1.78 21.56
CA ASP B 147 -2.40 1.16 21.60
C ASP B 147 -1.28 2.19 21.54
N VAL B 148 -1.56 3.37 20.96
CA VAL B 148 -0.49 4.35 20.69
C VAL B 148 0.23 4.79 21.97
N PRO B 149 -0.44 5.21 23.04
CA PRO B 149 0.31 5.68 24.21
C PRO B 149 1.08 4.59 24.92
N ILE B 150 0.69 3.33 24.75
CA ILE B 150 1.45 2.23 25.35
C ILE B 150 2.74 2.01 24.57
N LEU B 151 2.68 2.07 23.24
CA LEU B 151 3.83 1.85 22.39
C LEU B 151 4.87 2.96 22.51
N SER B 152 4.52 4.09 23.13
CA SER B 152 5.50 5.15 23.34
C SER B 152 6.51 4.78 24.44
N TYR B 153 6.20 3.77 25.24
CA TYR B 153 7.13 3.26 26.25
C TYR B 153 8.06 2.19 25.70
N LEU B 154 7.94 1.86 24.41
CA LEU B 154 8.85 0.92 23.76
C LEU B 154 10.25 1.51 23.70
N THR B 155 11.21 0.84 24.34
CA THR B 155 12.59 1.25 24.28
C THR B 155 13.40 0.49 23.25
N ASP B 156 12.98 -0.72 22.91
CA ASP B 156 13.72 -1.55 21.94
C ASP B 156 12.82 -2.67 21.46
N VAL B 157 13.08 -3.12 20.24
CA VAL B 157 12.48 -4.33 19.69
C VAL B 157 13.61 -5.18 19.11
N THR B 158 13.76 -6.40 19.63
CA THR B 158 14.85 -7.28 19.26
C THR B 158 14.29 -8.60 18.74
N THR B 159 15.16 -9.36 18.06
CA THR B 159 14.80 -10.66 17.54
C THR B 159 16.02 -11.56 17.57
N ALA B 160 15.79 -12.86 17.78
CA ALA B 160 16.85 -13.84 17.83
C ALA B 160 16.32 -15.19 17.36
N ALA B 161 17.16 -15.93 16.66
CA ALA B 161 16.80 -17.25 16.13
C ALA B 161 17.34 -18.35 17.03
N SER B 162 16.66 -19.50 17.02
CA SER B 162 17.02 -20.66 17.81
C SER B 162 17.04 -21.89 16.92
N LYS B 163 17.86 -22.87 17.28
CA LYS B 163 17.96 -24.13 16.54
C LYS B 163 17.14 -25.25 17.16
N ASP B 164 17.08 -25.31 18.49
CA ASP B 164 16.28 -26.32 19.18
C ASP B 164 15.89 -25.72 20.52
N PRO B 165 14.63 -25.27 20.67
CA PRO B 165 13.51 -25.37 19.73
C PRO B 165 13.63 -24.43 18.53
N ALA B 166 13.66 -25.01 17.33
CA ALA B 166 13.88 -24.24 16.11
C ALA B 166 12.77 -23.24 15.89
N GLY B 167 13.16 -22.00 15.63
CA GLY B 167 12.25 -20.90 15.38
C GLY B 167 12.94 -19.58 15.67
N PHE B 168 12.13 -18.58 16.03
CA PHE B 168 12.68 -17.30 16.43
C PHE B 168 11.71 -16.62 17.38
N LYS B 169 12.21 -15.59 18.05
CA LYS B 169 11.41 -14.81 18.98
C LYS B 169 11.59 -13.32 18.68
N ILE B 170 10.59 -12.54 19.08
CA ILE B 170 10.66 -11.08 19.02
C ILE B 170 10.35 -10.55 20.41
N GLU B 171 11.20 -9.67 20.92
CA GLU B 171 11.08 -9.15 22.26
C GLU B 171 10.82 -7.65 22.21
N PHE B 172 9.77 -7.21 22.88
CA PHE B 172 9.39 -5.81 22.97
C PHE B 172 9.76 -5.31 24.36
N HIS B 173 10.77 -4.46 24.44
CA HIS B 173 11.26 -3.96 25.72
C HIS B 173 10.53 -2.68 26.06
N PHE B 174 9.90 -2.65 27.23
CA PHE B 174 9.08 -1.52 27.66
C PHE B 174 9.68 -0.90 28.91
N ALA B 175 9.80 0.41 28.91
CA ALA B 175 10.13 1.14 30.13
C ALA B 175 8.94 1.07 31.09
N THR B 176 9.23 1.38 32.37
CA THR B 176 8.17 1.46 33.37
C THR B 176 7.03 2.33 32.89
N ASN B 177 5.82 1.79 32.98
CA ASN B 177 4.65 2.40 32.35
C ASN B 177 3.43 2.06 33.19
N PRO B 178 2.36 2.87 33.09
CA PRO B 178 1.16 2.61 33.89
C PRO B 178 0.21 1.59 33.29
N TYR B 179 0.59 0.90 32.21
CA TYR B 179 -0.30 -0.05 31.55
C TYR B 179 -0.07 -1.49 31.95
N PHE B 180 1.19 -1.92 32.06
CA PHE B 180 1.47 -3.27 32.52
C PHE B 180 2.84 -3.30 33.19
N LYS B 181 3.05 -4.32 34.02
CA LYS B 181 4.28 -4.44 34.79
C LYS B 181 5.41 -5.10 34.01
N ASN B 182 5.10 -5.77 32.90
CA ASN B 182 6.12 -6.49 32.15
C ASN B 182 7.19 -5.54 31.63
N GLN B 183 8.45 -5.94 31.76
CA GLN B 183 9.53 -5.20 31.15
C GLN B 183 9.79 -5.64 29.71
N VAL B 184 9.60 -6.92 29.41
CA VAL B 184 9.80 -7.46 28.07
C VAL B 184 8.60 -8.34 27.72
N LEU B 185 7.96 -8.05 26.60
CA LEU B 185 6.93 -8.90 26.03
C LEU B 185 7.52 -9.70 24.88
N THR B 186 7.38 -11.02 24.94
CA THR B 186 7.99 -11.92 23.98
C THR B 186 6.93 -12.59 23.11
N LYS B 187 7.21 -12.68 21.82
CA LYS B 187 6.43 -13.47 20.88
C LYS B 187 7.35 -14.50 20.25
N THR B 188 6.94 -15.77 20.32
CA THR B 188 7.76 -16.87 19.86
C THR B 188 7.05 -17.63 18.76
N TYR B 189 7.76 -17.89 17.67
CA TYR B 189 7.28 -18.76 16.59
C TYR B 189 8.17 -19.99 16.53
N LEU B 190 7.56 -21.16 16.61
CA LEU B 190 8.27 -22.43 16.44
C LEU B 190 8.12 -22.88 15.00
N LEU B 191 9.25 -23.13 14.34
CA LEU B 191 9.28 -23.45 12.92
C LEU B 191 9.61 -24.91 12.71
N GLY B 192 9.00 -25.50 11.68
CA GLY B 192 9.34 -26.83 11.23
C GLY B 192 10.17 -26.74 9.96
N PHE B 193 11.35 -27.35 10.00
CA PHE B 193 12.29 -27.30 8.89
C PHE B 193 12.29 -28.55 8.03
N ASP B 194 11.52 -29.56 8.41
CA ASP B 194 11.39 -30.81 7.68
C ASP B 194 10.11 -30.81 6.85
N PRO B 195 10.07 -31.57 5.77
CA PRO B 195 8.80 -31.76 5.05
C PRO B 195 7.80 -32.51 5.92
N ASP B 196 6.54 -32.09 5.83
CA ASP B 196 5.49 -32.68 6.66
C ASP B 196 5.02 -33.99 6.04
N ALA B 197 4.87 -35.01 6.90
CA ALA B 197 4.46 -36.32 6.42
C ALA B 197 3.06 -36.29 5.81
N GLU B 198 2.25 -35.29 6.17
CA GLU B 198 0.90 -35.18 5.65
C GLU B 198 0.84 -34.54 4.27
N ALA B 199 1.84 -33.74 3.91
CA ALA B 199 1.91 -33.10 2.60
C ALA B 199 3.37 -32.79 2.27
N PRO B 200 4.18 -33.80 1.97
CA PRO B 200 5.62 -33.55 1.82
C PRO B 200 5.96 -32.72 0.59
N LEU B 201 5.23 -32.90 -0.51
CA LEU B 201 5.52 -32.15 -1.73
C LEU B 201 5.13 -30.68 -1.62
N GLN B 202 4.45 -30.28 -0.54
CA GLN B 202 4.08 -28.89 -0.33
C GLN B 202 5.12 -28.09 0.44
N PHE B 203 6.23 -28.72 0.84
CA PHE B 203 7.27 -28.01 1.59
C PHE B 203 7.85 -26.88 0.76
N ASP B 204 7.69 -25.65 1.25
CA ASP B 204 8.23 -24.47 0.58
C ASP B 204 9.29 -23.77 1.42
N GLY B 205 9.74 -24.38 2.51
CA GLY B 205 10.64 -23.75 3.44
C GLY B 205 10.16 -23.89 4.87
N PRO B 206 10.76 -23.13 5.79
CA PRO B 206 10.33 -23.21 7.19
C PRO B 206 8.89 -22.79 7.35
N HIS B 207 8.08 -23.67 7.94
CA HIS B 207 6.67 -23.42 8.15
C HIS B 207 6.41 -23.27 9.65
N VAL B 208 5.52 -22.34 10.01
CA VAL B 208 5.23 -22.08 11.42
C VAL B 208 4.41 -23.23 11.97
N ILE B 209 4.92 -23.84 13.04
CA ILE B 209 4.20 -24.91 13.74
C ILE B 209 3.26 -24.34 14.79
N ARG B 210 3.77 -23.46 15.65
CA ARG B 210 2.95 -22.84 16.69
C ARG B 210 3.52 -21.46 16.99
N ALA B 211 2.64 -20.56 17.40
CA ALA B 211 3.02 -19.25 17.91
C ALA B 211 2.77 -19.26 19.40
N VAL B 212 3.73 -18.76 20.17
CA VAL B 212 3.63 -18.67 21.62
C VAL B 212 3.75 -17.21 22.02
N GLY B 213 2.78 -16.73 22.78
CA GLY B 213 2.75 -15.34 23.21
C GLY B 213 3.30 -15.16 24.61
N ASP B 214 2.71 -14.24 25.34
CA ASP B 214 3.22 -13.86 26.65
C ASP B 214 2.07 -13.27 27.46
N THR B 215 2.08 -13.53 28.76
CA THR B 215 1.03 -13.03 29.65
C THR B 215 1.36 -11.60 30.06
N ILE B 216 0.44 -10.69 29.78
CA ILE B 216 0.63 -9.27 30.10
C ILE B 216 -0.01 -8.98 31.45
N GLU B 217 0.78 -8.40 32.35
CA GLU B 217 0.30 -8.08 33.71
C GLU B 217 -0.27 -6.68 33.70
N TRP B 218 -1.49 -6.56 33.15
CA TRP B 218 -2.13 -5.26 33.01
C TRP B 218 -2.41 -4.64 34.37
N GLU B 219 -2.26 -3.32 34.45
CA GLU B 219 -2.74 -2.57 35.59
C GLU B 219 -4.25 -2.37 35.48
N ASP B 220 -4.86 -1.98 36.60
CA ASP B 220 -6.31 -1.95 36.69
C ASP B 220 -6.92 -1.04 35.63
N GLY B 221 -7.85 -1.58 34.86
CA GLY B 221 -8.57 -0.81 33.86
C GLY B 221 -7.80 -0.51 32.59
N LYS B 222 -6.65 -1.12 32.38
CA LYS B 222 -5.81 -0.78 31.23
C LYS B 222 -5.77 -1.85 30.15
N ASN B 223 -6.42 -3.00 30.36
CA ASN B 223 -6.36 -4.08 29.38
C ASN B 223 -7.20 -3.69 28.16
N VAL B 224 -6.53 -3.18 27.12
CA VAL B 224 -7.22 -2.79 25.90
C VAL B 224 -7.52 -3.97 24.99
N THR B 225 -7.06 -5.17 25.33
CA THR B 225 -7.33 -6.34 24.51
C THR B 225 -8.59 -7.10 24.90
N LYS B 226 -9.23 -6.77 26.03
CA LYS B 226 -10.43 -7.47 26.45
C LYS B 226 -11.55 -6.48 26.79
N LYS B 227 -12.78 -6.93 26.56
CA LYS B 227 -13.98 -6.20 26.93
C LYS B 227 -15.05 -7.24 27.23
N ALA B 228 -16.03 -6.84 28.04
CA ALA B 228 -17.14 -7.72 28.37
C ALA B 228 -18.38 -7.34 27.56
N VAL B 229 -19.23 -8.32 27.33
CA VAL B 229 -20.50 -8.12 26.64
C VAL B 229 -21.56 -8.98 27.32
N LYS B 230 -22.76 -8.43 27.45
CA LYS B 230 -23.86 -9.17 28.07
C LYS B 230 -24.41 -10.23 27.12
N THR B 244 -21.19 -10.33 30.90
CA THR B 244 -21.33 -11.71 31.33
C THR B 244 -20.34 -12.62 30.61
N LYS B 245 -19.75 -12.11 29.52
CA LYS B 245 -18.77 -12.86 28.75
C LYS B 245 -17.67 -11.92 28.28
N THR B 246 -16.43 -12.31 28.53
CA THR B 246 -15.26 -11.55 28.11
C THR B 246 -14.89 -11.95 26.69
N VAL B 247 -14.74 -10.95 25.81
CA VAL B 247 -14.39 -11.20 24.42
C VAL B 247 -13.19 -10.34 24.02
N LYS B 248 -12.53 -10.78 22.95
CA LYS B 248 -11.39 -10.08 22.38
C LYS B 248 -11.77 -8.68 21.89
N ALA B 249 -11.00 -7.69 22.31
CA ALA B 249 -11.10 -6.33 21.79
C ALA B 249 -10.01 -6.10 20.75
N ASP B 250 -10.26 -5.15 19.85
CA ASP B 250 -9.30 -4.85 18.80
C ASP B 250 -8.08 -4.14 19.39
N SER B 251 -6.92 -4.78 19.33
CA SER B 251 -5.71 -4.22 19.92
C SER B 251 -4.49 -4.88 19.30
N PHE B 252 -3.44 -4.07 19.07
CA PHE B 252 -2.15 -4.62 18.66
C PHE B 252 -1.64 -5.66 19.65
N PHE B 253 -1.96 -5.51 20.93
CA PHE B 253 -1.38 -6.38 21.95
C PHE B 253 -2.02 -7.76 21.98
N ASN B 254 -3.06 -8.00 21.19
CA ASN B 254 -3.49 -9.37 20.95
C ASN B 254 -2.43 -10.17 20.20
N PHE B 255 -1.43 -9.50 19.63
CA PHE B 255 -0.25 -10.15 19.08
C PHE B 255 0.41 -11.08 20.09
N PHE B 256 0.22 -10.82 21.38
CA PHE B 256 0.85 -11.61 22.44
C PHE B 256 -0.09 -12.65 23.04
N GLU B 257 -1.26 -12.85 22.43
CA GLU B 257 -2.13 -13.98 22.74
C GLU B 257 -2.51 -14.67 21.44
N PRO B 258 -1.58 -15.42 20.85
CA PRO B 258 -1.89 -16.15 19.62
C PRO B 258 -2.81 -17.32 19.90
N PRO B 259 -3.51 -17.85 18.88
CA PRO B 259 -4.43 -18.98 19.01
C PRO B 259 -3.82 -20.17 19.76
N ASP B 270 -12.86 -24.17 10.36
CA ASP B 270 -12.28 -24.19 11.71
C ASP B 270 -10.77 -24.38 11.66
N ASP B 271 -10.29 -25.07 10.62
CA ASP B 271 -8.88 -25.36 10.49
C ASP B 271 -8.20 -24.64 9.33
N GLU B 272 -8.90 -24.45 8.21
CA GLU B 272 -8.37 -23.53 7.19
C GLU B 272 -8.50 -22.08 7.65
N GLN B 273 -9.37 -21.81 8.62
CA GLN B 273 -9.48 -20.47 9.18
C GLN B 273 -8.42 -20.25 10.26
N ALA B 274 -8.16 -21.27 11.07
CA ALA B 274 -7.09 -21.16 12.07
C ALA B 274 -5.73 -21.14 11.40
N GLU B 275 -5.57 -21.83 10.28
CA GLU B 275 -4.33 -21.76 9.52
C GLU B 275 -4.15 -20.37 8.92
N GLU B 276 -5.23 -19.75 8.43
CA GLU B 276 -5.10 -18.42 7.87
C GLU B 276 -4.93 -17.36 8.95
N PHE B 277 -5.42 -17.62 10.16
CA PHE B 277 -5.17 -16.71 11.27
C PHE B 277 -3.73 -16.82 11.76
N LEU B 278 -3.22 -18.04 11.85
CA LEU B 278 -1.81 -18.22 12.18
C LEU B 278 -0.91 -17.71 11.06
N GLU B 279 -1.36 -17.82 9.80
CA GLU B 279 -0.57 -17.31 8.68
C GLU B 279 -0.44 -15.79 8.75
N LEU B 280 -1.52 -15.10 9.08
CA LEU B 280 -1.46 -13.64 9.20
C LEU B 280 -0.63 -13.22 10.39
N ASP B 281 -0.76 -13.94 11.52
CA ASP B 281 0.06 -13.62 12.69
C ASP B 281 1.55 -13.84 12.40
N TYR B 282 1.88 -14.92 11.68
CA TYR B 282 3.27 -15.17 11.34
C TYR B 282 3.80 -14.14 10.35
N GLU B 283 2.97 -13.71 9.39
CA GLU B 283 3.39 -12.70 8.44
C GLU B 283 3.67 -11.37 9.14
N MET B 284 2.87 -11.03 10.16
CA MET B 284 3.15 -9.82 10.93
C MET B 284 4.47 -9.95 11.68
N GLY B 285 4.71 -11.10 12.30
CA GLY B 285 6.00 -11.32 12.95
C GLY B 285 7.16 -11.27 11.98
N GLN B 286 6.95 -11.74 10.75
CA GLN B 286 8.02 -11.69 9.75
C GLN B 286 8.32 -10.26 9.34
N ALA B 287 7.28 -9.45 9.13
CA ALA B 287 7.50 -8.04 8.80
C ALA B 287 8.34 -7.35 9.88
N ILE B 288 8.09 -7.69 11.15
CA ILE B 288 8.82 -7.05 12.24
C ILE B 288 10.26 -7.57 12.28
N ARG B 289 10.45 -8.89 12.23
CA ARG B 289 11.79 -9.45 12.32
C ARG B 289 12.62 -9.13 11.08
N ASP B 290 12.07 -9.35 9.89
CA ASP B 290 12.88 -9.26 8.67
C ASP B 290 13.00 -7.84 8.13
N THR B 291 11.99 -7.00 8.32
CA THR B 291 11.93 -5.70 7.67
C THR B 291 12.10 -4.54 8.64
N ILE B 292 11.27 -4.47 9.68
CA ILE B 292 11.25 -3.28 10.52
C ILE B 292 12.49 -3.21 11.40
N ILE B 293 12.79 -4.30 12.13
CA ILE B 293 13.94 -4.29 13.05
C ILE B 293 15.24 -3.93 12.36
N PRO B 294 15.63 -4.56 11.24
CA PRO B 294 16.92 -4.21 10.63
C PRO B 294 16.97 -2.81 10.03
N ARG B 295 15.83 -2.21 9.69
CA ARG B 295 15.81 -0.93 8.99
C ARG B 295 14.91 0.07 9.69
N ALA B 296 14.93 0.07 11.03
CA ALA B 296 13.96 0.83 11.80
C ALA B 296 14.03 2.32 11.49
N VAL B 297 15.23 2.88 11.42
CA VAL B 297 15.36 4.33 11.24
C VAL B 297 14.81 4.77 9.89
N LEU B 298 14.85 3.89 8.89
CA LEU B 298 14.31 4.24 7.59
C LEU B 298 12.80 4.32 7.62
N PHE B 299 12.15 3.51 8.46
CA PHE B 299 10.73 3.67 8.68
C PHE B 299 10.42 4.88 9.55
N TYR B 300 11.31 5.19 10.50
CA TYR B 300 11.12 6.36 11.35
C TYR B 300 11.13 7.64 10.52
N THR B 301 12.10 7.78 9.63
CA THR B 301 12.18 8.95 8.76
C THR B 301 11.15 8.90 7.63
N GLY B 302 10.62 7.72 7.32
CA GLY B 302 9.72 7.58 6.20
C GLY B 302 10.40 7.45 4.85
N GLU B 303 11.73 7.28 4.82
CA GLU B 303 12.41 7.04 3.56
C GLU B 303 12.15 5.64 3.02
N LEU B 304 11.76 4.71 3.87
CA LEU B 304 11.39 3.36 3.48
C LEU B 304 9.93 3.15 3.83
N GLN B 305 9.15 2.65 2.87
CA GLN B 305 7.73 2.48 3.06
C GLN B 305 7.27 1.14 2.48
N SER B 306 6.24 0.56 3.09
CA SER B 306 5.67 -0.68 2.61
C SER B 306 4.77 -0.40 1.42
N ASP B 307 4.70 -1.36 0.50
CA ASP B 307 3.96 -1.20 -0.76
C ASP B 307 2.54 -0.70 -0.57
ZN ZN C . -18.03 7.65 -18.35
ZN ZN D . 15.69 -18.72 10.25
#